data_1UAB
#
_entry.id   1UAB
#
_cell.length_a   1.000
_cell.length_b   1.000
_cell.length_c   1.000
_cell.angle_alpha   90.00
_cell.angle_beta   90.00
_cell.angle_gamma   90.00
#
_symmetry.space_group_name_H-M   'P 1'
#
loop_
_entity.id
_entity.type
_entity.pdbx_description
1 polymer "DNA (5'-D(*GP*CP*GP*AP*GP*AP*TP*CP*TP*GP*CP*G)-3')"
2 polymer "DNA (5'-D(*CP*GP*CP*AP*GP*(6MA)P*TP*CP*TP*CP*GP*C)-3')"
#
loop_
_entity_poly.entity_id
_entity_poly.type
_entity_poly.pdbx_seq_one_letter_code
_entity_poly.pdbx_strand_id
1 'polydeoxyribonucleotide' (DG)(DC)(DG)(DA)(DG)(DA)(DT)(DC)(DT)(DG)(DC)(DG) A
2 'polydeoxyribonucleotide' (DC)(DG)(DC)(DA)(DG)(6MA)(DT)(DC)(DT)(DC)(DG)(DC) B
#
loop_
_chem_comp.id
_chem_comp.type
_chem_comp.name
_chem_comp.formula
6MA DNA linking N6-METHYL-DEOXY-ADENOSINE-5'-MONOPHOSPHATE 'C11 H16 N5 O6 P'
DA DNA linking 2'-DEOXYADENOSINE-5'-MONOPHOSPHATE 'C10 H14 N5 O6 P'
DC DNA linking 2'-DEOXYCYTIDINE-5'-MONOPHOSPHATE 'C9 H14 N3 O7 P'
DG DNA linking 2'-DEOXYGUANOSINE-5'-MONOPHOSPHATE 'C10 H14 N5 O7 P'
DT DNA linking THYMIDINE-5'-MONOPHOSPHATE 'C10 H15 N2 O8 P'
#
# COMPACT_ATOMS: atom_id res chain seq x y z
P 6MA B 6 -0.58 -0.22 -5.16
OP1 6MA B 6 -0.69 -0.89 -6.48
OP2 6MA B 6 -1.61 0.77 -4.74
O5' 6MA B 6 -0.51 -1.35 -4.03
C5' 6MA B 6 0.14 -1.08 -2.79
C4' 6MA B 6 0.20 -2.33 -1.94
O4' 6MA B 6 0.99 -2.05 -0.76
C3' 6MA B 6 -1.14 -2.87 -1.44
O3' 6MA B 6 -1.13 -4.30 -1.46
C2' 6MA B 6 -1.24 -2.35 -0.02
C1' 6MA B 6 0.17 -1.94 0.39
N9 6MA B 6 0.26 -0.56 0.89
C8 6MA B 6 0.04 0.57 0.19
N7 6MA B 6 0.22 1.67 0.89
C5 6MA B 6 0.55 1.20 2.15
C6 6MA B 6 0.85 1.86 3.36
N1 6MA B 6 1.13 1.09 4.44
C2 6MA B 6 1.10 -0.24 4.30
N3 6MA B 6 0.85 -0.97 3.22
C4 6MA B 6 0.57 -0.18 2.16
N6 6MA B 6 0.86 3.19 3.48
C1 6MA B 6 0.57 4.10 2.39
H5' 6MA B 6 -0.41 -0.32 -2.25
H5'' 6MA B 6 1.15 -0.73 -2.96
H4' 6MA B 6 0.64 -3.12 -2.56
H3' 6MA B 6 -1.96 -2.52 -2.06
H2' 6MA B 6 -1.95 -1.52 0.07
H2'' 6MA B 6 -1.56 -3.14 0.67
H1' 6MA B 6 0.57 -2.61 1.15
H8 6MA B 6 -0.25 0.51 -0.75
H2 6MA B 6 1.24 -0.75 5.12
H61 6MA B 6 1.07 3.55 4.31
H11 6MA B 6 0.93 3.78 1.57
H12 6MA B 6 0.94 4.97 2.55
H13 6MA B 6 -0.37 4.20 2.26
P 6MA B 6 -0.58 -0.22 -5.16
OP1 6MA B 6 -0.69 -0.89 -6.48
OP2 6MA B 6 -1.61 0.77 -4.74
O5' 6MA B 6 -0.51 -1.35 -4.03
C5' 6MA B 6 0.14 -1.08 -2.79
C4' 6MA B 6 0.20 -2.33 -1.94
O4' 6MA B 6 0.99 -2.05 -0.76
C3' 6MA B 6 -1.14 -2.87 -1.44
O3' 6MA B 6 -1.13 -4.30 -1.46
C2' 6MA B 6 -1.24 -2.35 -0.02
C1' 6MA B 6 0.17 -1.94 0.39
N9 6MA B 6 0.26 -0.56 0.89
C8 6MA B 6 0.04 0.57 0.19
N7 6MA B 6 0.22 1.67 0.89
C5 6MA B 6 0.55 1.20 2.15
C6 6MA B 6 0.85 1.86 3.36
N1 6MA B 6 1.13 1.09 4.44
C2 6MA B 6 1.10 -0.24 4.30
N3 6MA B 6 0.85 -0.97 3.22
C4 6MA B 6 0.57 -0.18 2.16
N6 6MA B 6 0.86 3.19 3.48
C1 6MA B 6 0.57 4.10 2.39
H5' 6MA B 6 -0.41 -0.32 -2.25
H5'' 6MA B 6 1.15 -0.73 -2.96
H4' 6MA B 6 0.64 -3.12 -2.56
H3' 6MA B 6 -1.96 -2.52 -2.06
H2' 6MA B 6 -1.95 -1.52 0.07
H2'' 6MA B 6 -1.56 -3.14 0.67
H1' 6MA B 6 0.57 -2.61 1.15
H8 6MA B 6 -0.25 0.51 -0.75
H2 6MA B 6 1.24 -0.75 5.12
H61 6MA B 6 1.07 3.55 4.31
H11 6MA B 6 0.93 3.78 1.57
H12 6MA B 6 0.94 4.97 2.55
H13 6MA B 6 -0.37 4.20 2.26
P 6MA B 6 -0.69 0.16 -5.12
OP1 6MA B 6 -0.83 -0.49 -6.45
OP2 6MA B 6 -1.71 1.16 -4.69
O5' 6MA B 6 -0.62 -0.99 -4.02
C5' 6MA B 6 0.03 -0.75 -2.78
C4' 6MA B 6 0.11 -2.01 -1.95
O4' 6MA B 6 0.91 -1.75 -0.78
C3' 6MA B 6 -1.23 -2.55 -1.45
O3' 6MA B 6 -1.22 -3.99 -1.49
C2' 6MA B 6 -1.31 -2.06 -0.02
C1' 6MA B 6 0.10 -1.67 0.38
N9 6MA B 6 0.20 -0.31 0.90
C8 6MA B 6 0.02 0.85 0.23
N7 6MA B 6 0.19 1.94 0.94
C5 6MA B 6 0.50 1.45 2.20
C6 6MA B 6 0.79 2.07 3.42
N1 6MA B 6 1.04 1.29 4.49
C2 6MA B 6 1.00 -0.03 4.34
N3 6MA B 6 0.76 -0.74 3.24
C4 6MA B 6 0.51 0.07 2.19
N6 6MA B 6 0.83 3.42 3.56
C1 6MA B 6 0.57 4.33 2.48
H5' 6MA B 6 -0.51 0.01 -2.23
H5'' 6MA B 6 1.05 -0.39 -2.97
H4' 6MA B 6 0.52 -2.80 -2.59
H3' 6MA B 6 -2.06 -2.18 -2.05
H2' 6MA B 6 -2.01 -1.24 0.09
H2'' 6MA B 6 -1.62 -2.86 0.66
H1' 6MA B 6 0.51 -2.35 1.12
H8 6MA B 6 -0.26 0.81 -0.73
H2 6MA B 6 1.12 -0.56 5.15
H61 6MA B 6 1.03 3.75 4.39
H11 6MA B 6 0.89 5.22 2.68
H12 6MA B 6 -0.37 4.41 2.29
H13 6MA B 6 1.00 4.06 1.66
P 6MA B 6 -0.59 -0.12 -5.28
OP1 6MA B 6 -0.73 -0.79 -6.60
OP2 6MA B 6 -1.60 0.89 -4.87
O5' 6MA B 6 -0.54 -1.26 -4.16
C5' 6MA B 6 0.11 -0.99 -2.92
C4' 6MA B 6 0.16 -2.24 -2.06
O4' 6MA B 6 0.95 -1.97 -0.89
C3' 6MA B 6 -1.19 -2.76 -1.55
O3' 6MA B 6 -1.20 -4.19 -1.58
C2' 6MA B 6 -1.28 -2.24 -0.13
C1' 6MA B 6 0.14 -1.84 0.26
N9 6MA B 6 0.24 -0.47 0.76
C8 6MA B 6 0.05 0.67 0.06
N7 6MA B 6 0.23 1.77 0.75
C5 6MA B 6 0.56 1.30 2.01
C6 6MA B 6 0.87 1.95 3.22
N1 6MA B 6 1.14 1.19 4.30
C2 6MA B 6 1.09 -0.15 4.17
N3 6MA B 6 0.83 -0.87 3.09
C4 6MA B 6 0.56 -0.09 2.03
N6 6MA B 6 0.91 3.29 3.34
C1 6MA B 6 0.63 4.20 2.24
H5' 6MA B 6 -0.44 -0.22 -2.38
H5'' 6MA B 6 1.12 -0.65 -3.10
H4' 6MA B 6 0.57 -3.04 -2.68
H3' 6MA B 6 -2.02 -2.38 -2.16
H2' 6MA B 6 -1.98 -1.41 -0.04
H2'' 6MA B 6 -1.60 -3.02 0.56
H1' 6MA B 6 0.53 -2.52 1.03
H8 6MA B 6 -0.24 0.61 -0.89
H2 6MA B 6 1.23 -0.66 4.99
H61 6MA B 6 1.12 3.65 4.16
H11 6MA B 6 -0.30 4.34 2.13
H12 6MA B 6 0.96 3.85 1.40
H13 6MA B 6 1.05 5.05 2.37
P 6MA B 6 -0.69 0.00 -5.35
OP1 6MA B 6 -0.84 -0.68 -6.67
OP2 6MA B 6 -1.71 1.00 -4.93
O5' 6MA B 6 -0.59 -1.12 -4.22
C5' 6MA B 6 0.08 -0.85 -3.00
C4' 6MA B 6 0.17 -2.10 -2.15
O4' 6MA B 6 0.98 -1.81 -0.99
C3' 6MA B 6 -1.16 -2.64 -1.63
O3' 6MA B 6 -1.14 -4.07 -1.64
C2' 6MA B 6 -1.23 -2.13 -0.19
C1' 6MA B 6 0.18 -1.71 0.18
N9 6MA B 6 0.28 -0.33 0.68
C8 6MA B 6 0.09 0.80 -0.01
N7 6MA B 6 0.26 1.91 0.67
C5 6MA B 6 0.58 1.44 1.95
C6 6MA B 6 0.88 2.08 3.17
N1 6MA B 6 1.14 1.32 4.24
C2 6MA B 6 1.10 -0.02 4.10
N3 6MA B 6 0.85 -0.74 3.02
C4 6MA B 6 0.59 0.05 1.96
N6 6MA B 6 0.91 3.43 3.28
C1 6MA B 6 0.64 4.33 2.18
H5' 6MA B 6 -0.47 -0.09 -2.45
H5'' 6MA B 6 1.09 -0.50 -3.21
H4' 6MA B 6 0.60 -2.89 -2.78
H3' 6MA B 6 -1.99 -2.28 -2.22
H2' 6MA B 6 -1.93 -1.31 -0.10
H2'' 6MA B 6 -1.52 -2.91 0.50
H1' 6MA B 6 0.60 -2.38 0.93
H8 6MA B 6 -0.20 0.75 -0.96
H2 6MA B 6 1.23 -0.52 4.92
H61 6MA B 6 1.12 3.78 4.11
H11 6MA B 6 -0.29 4.52 2.11
H12 6MA B 6 0.93 3.96 1.35
H13 6MA B 6 1.10 5.16 2.29
P 6MA B 6 -0.58 0.16 -5.30
OP1 6MA B 6 -0.71 -0.50 -6.63
OP2 6MA B 6 -1.58 1.19 -4.91
O5' 6MA B 6 -0.56 -0.96 -4.18
C5' 6MA B 6 0.10 -0.73 -2.93
C4' 6MA B 6 0.15 -1.98 -2.09
O4' 6MA B 6 0.94 -1.71 -0.92
C3' 6MA B 6 -1.21 -2.49 -1.58
O3' 6MA B 6 -1.23 -3.92 -1.63
C2' 6MA B 6 -1.29 -1.99 -0.15
C1' 6MA B 6 0.13 -1.60 0.24
N9 6MA B 6 0.24 -0.23 0.74
C8 6MA B 6 0.05 0.92 0.05
N7 6MA B 6 0.24 2.02 0.75
C5 6MA B 6 0.56 1.54 2.01
C6 6MA B 6 0.89 2.18 3.22
N1 6MA B 6 1.15 1.41 4.28
C2 6MA B 6 1.10 0.08 4.15
N3 6MA B 6 0.83 -0.64 3.06
C4 6MA B 6 0.57 0.15 2.01
N6 6MA B 6 0.93 3.51 3.34
C1 6MA B 6 0.66 4.43 2.25
H5' 6MA B 6 -0.43 0.05 -2.40
H5'' 6MA B 6 1.12 -0.39 -3.12
H4' 6MA B 6 0.56 -2.77 -2.71
H3' 6MA B 6 -2.02 -2.10 -2.19
H2' 6MA B 6 -1.99 -1.16 -0.06
H2'' 6MA B 6 -1.61 -2.78 0.52
H1' 6MA B 6 0.52 -2.28 1.00
H8 6MA B 6 -0.24 0.86 -0.91
H2 6MA B 6 1.23 -0.43 4.96
H61 6MA B 6 1.15 3.86 4.16
H11 6MA B 6 1.12 5.26 2.36
H12 6MA B 6 -0.27 4.63 2.18
H13 6MA B 6 0.92 4.06 1.41
P 6MA B 6 -0.53 -0.09 -5.51
OP1 6MA B 6 -0.64 -0.76 -6.83
OP2 6MA B 6 -1.52 0.94 -5.11
O5' 6MA B 6 -0.50 -1.22 -4.39
C5' 6MA B 6 0.12 -0.97 -3.13
C4' 6MA B 6 0.13 -2.22 -2.28
O4' 6MA B 6 0.90 -1.96 -1.09
C3' 6MA B 6 -1.23 -2.71 -1.80
O3' 6MA B 6 -1.27 -4.15 -1.83
C2' 6MA B 6 -1.34 -2.21 -0.37
C1' 6MA B 6 0.07 -1.82 0.06
N9 6MA B 6 0.18 -0.45 0.54
C8 6MA B 6 -0.04 0.69 -0.17
N7 6MA B 6 0.16 1.80 0.52
C5 6MA B 6 0.52 1.33 1.77
C6 6MA B 6 0.85 2.00 2.98
N1 6MA B 6 1.15 1.23 4.05
C2 6MA B 6 1.09 -0.09 3.93
N3 6MA B 6 0.82 -0.83 2.86
C4 6MA B 6 0.53 -0.05 1.80
N6 6MA B 6 0.89 3.33 3.09
C1 6MA B 6 0.59 4.23 1.99
H5' 6MA B 6 -0.42 -0.19 -2.60
H5'' 6MA B 6 1.15 -0.65 -3.29
H4' 6MA B 6 0.55 -3.02 -2.88
H3' 6MA B 6 -2.04 -2.32 -2.42
H2' 6MA B 6 -2.03 -1.38 -0.29
H2'' 6MA B 6 -1.67 -2.99 0.31
H1' 6MA B 6 0.45 -2.49 0.83
H8 6MA B 6 -0.35 0.63 -1.10
H2 6MA B 6 1.25 -0.60 4.74
H61 6MA B 6 1.11 3.68 3.91
H11 6MA B 6 -0.35 4.24 1.79
H12 6MA B 6 1.04 3.98 1.19
H13 6MA B 6 0.84 5.13 2.20
P 6MA B 6 -0.59 0.04 -5.06
OP1 6MA B 6 -0.71 -0.61 -6.38
OP2 6MA B 6 -1.61 1.02 -4.63
O5' 6MA B 6 -0.50 -1.11 -3.95
C5' 6MA B 6 0.15 -0.85 -2.71
C4' 6MA B 6 0.19 -2.11 -1.86
O4' 6MA B 6 0.96 -1.82 -0.67
C3' 6MA B 6 -1.17 -2.62 -1.38
O3' 6MA B 6 -1.17 -4.05 -1.42
C2' 6MA B 6 -1.28 -2.13 0.05
C1' 6MA B 6 0.12 -1.71 0.48
N9 6MA B 6 0.21 -0.34 0.98
C8 6MA B 6 -0.01 0.80 0.28
N7 6MA B 6 0.15 1.90 0.97
C5 6MA B 6 0.49 1.43 2.23
C6 6MA B 6 0.79 2.08 3.45
N1 6MA B 6 1.07 1.33 4.51
C2 6MA B 6 1.03 -0.01 4.39
N3 6MA B 6 0.79 -0.73 3.30
C4 6MA B 6 0.51 0.05 2.24
N6 6MA B 6 0.81 3.43 3.56
C1 6MA B 6 0.52 4.33 2.46
H5' 6MA B 6 -0.38 -0.07 -2.17
H5'' 6MA B 6 1.18 -0.52 -2.89
H4' 6MA B 6 0.63 -2.90 -2.47
H3' 6MA B 6 -1.97 -2.24 -2.00
H2' 6MA B 6 -1.99 -1.32 0.13
H2'' 6MA B 6 -1.61 -2.93 0.73
H1' 6MA B 6 0.50 -2.39 1.24
H8 6MA B 6 -0.31 0.74 -0.68
H2 6MA B 6 1.17 -0.52 5.21
H61 6MA B 6 1.02 3.78 4.38
H11 6MA B 6 0.93 4.03 1.65
H12 6MA B 6 0.85 5.21 2.64
H13 6MA B 6 -0.41 4.40 2.30
P 6MA B 6 -0.65 -0.21 -5.05
OP1 6MA B 6 -0.74 -0.89 -6.37
OP2 6MA B 6 -1.71 0.74 -4.64
O5' 6MA B 6 -0.54 -1.35 -3.93
C5' 6MA B 6 0.10 -1.07 -2.68
C4' 6MA B 6 0.23 -2.33 -1.86
O4' 6MA B 6 1.01 -2.02 -0.68
C3' 6MA B 6 -1.07 -2.93 -1.36
O3' 6MA B 6 -1.01 -4.37 -1.40
C2' 6MA B 6 -1.20 -2.44 0.08
C1' 6MA B 6 0.19 -1.97 0.48
N9 6MA B 6 0.21 -0.60 0.99
C8 6MA B 6 -0.07 0.54 0.30
N7 6MA B 6 0.05 1.64 1.01
C5 6MA B 6 0.43 1.18 2.26
C6 6MA B 6 0.71 1.83 3.48
N1 6MA B 6 1.05 1.07 4.54
C2 6MA B 6 1.08 -0.26 4.40
N3 6MA B 6 0.86 -0.98 3.31
C4 6MA B 6 0.53 -0.20 2.25
N6 6MA B 6 0.65 3.17 3.61
C1 6MA B 6 0.29 4.07 2.54
H5' 6MA B 6 -0.47 -0.34 -2.14
H5'' 6MA B 6 1.11 -0.67 -2.88
H4' 6MA B 6 0.70 -3.09 -2.49
H3' 6MA B 6 -1.92 -2.60 -1.96
H2' 6MA B 6 -1.95 -1.66 0.18
H2'' 6MA B 6 -1.47 -3.26 0.75
H1' 6MA B 6 0.63 -2.62 1.23
H8 6MA B 6 -0.39 0.48 -0.63
H2 6MA B 6 1.25 -0.76 5.20
H61 6MA B 6 0.85 3.53 4.45
H11 6MA B 6 -0.65 4.08 2.39
H12 6MA B 6 0.71 3.81 1.71
H13 6MA B 6 0.56 4.97 2.72
P 6MA B 6 -0.55 -0.13 -5.42
OP1 6MA B 6 -0.65 -0.80 -6.74
OP2 6MA B 6 -1.56 0.88 -5.02
O5' 6MA B 6 -0.50 -1.26 -4.30
C5' 6MA B 6 0.12 -1.00 -3.05
C4' 6MA B 6 0.16 -2.26 -2.20
O4' 6MA B 6 0.95 -1.98 -1.02
C3' 6MA B 6 -1.18 -2.79 -1.70
O3' 6MA B 6 -1.18 -4.21 -1.73
C2' 6MA B 6 -1.28 -2.27 -0.27
C1' 6MA B 6 0.13 -1.87 0.13
N9 6MA B 6 0.23 -0.50 0.62
C8 6MA B 6 0.00 0.65 -0.08
N7 6MA B 6 0.18 1.75 0.62
C5 6MA B 6 0.53 1.28 1.88
C6 6MA B 6 0.85 1.94 3.08
N1 6MA B 6 1.14 1.17 4.16
C2 6MA B 6 1.11 -0.16 4.03
N3 6MA B 6 0.85 -0.88 2.94
C4 6MA B 6 0.55 -0.11 1.89
N6 6MA B 6 0.85 3.28 3.21
C1 6MA B 6 0.54 4.18 2.12
H5' 6MA B 6 -0.44 -0.24 -2.51
H5'' 6MA B 6 1.13 -0.65 -3.21
H4' 6MA B 6 0.60 -3.04 -2.82
H3' 6MA B 6 -2.00 -2.41 -2.31
H2' 6MA B 6 -1.99 -1.46 -0.18
H2'' 6MA B 6 -1.59 -3.07 0.41
H1' 6MA B 6 0.53 -2.54 0.89
H8 6MA B 6 -0.31 0.58 -1.01
H2 6MA B 6 1.27 -0.66 4.83
H61 6MA B 6 1.06 3.63 4.03
H11 6MA B 6 -0.38 4.10 1.85
H12 6MA B 6 1.07 3.99 1.35
H13 6MA B 6 0.69 5.09 2.36
P 6MA B 6 -0.58 0.05 -5.40
OP1 6MA B 6 -0.69 -0.60 -6.72
OP2 6MA B 6 -1.59 1.07 -5.00
O5' 6MA B 6 -0.56 -1.08 -4.28
C5' 6MA B 6 0.07 -0.84 -3.02
C4' 6MA B 6 0.11 -2.11 -2.19
O4' 6MA B 6 0.91 -1.85 -1.01
C3' 6MA B 6 -1.23 -2.63 -1.70
O3' 6MA B 6 -1.24 -4.06 -1.75
C2' 6MA B 6 -1.32 -2.14 -0.26
C1' 6MA B 6 0.09 -1.74 0.13
N9 6MA B 6 0.19 -0.37 0.64
C8 6MA B 6 -0.02 0.77 -0.04
N7 6MA B 6 0.15 1.87 0.66
C5 6MA B 6 0.49 1.39 1.92
C6 6MA B 6 0.80 2.03 3.14
N1 6MA B 6 1.08 1.25 4.20
C2 6MA B 6 1.05 -0.07 4.06
N3 6MA B 6 0.79 -0.79 2.97
C4 6MA B 6 0.51 0.00 1.92
N6 6MA B 6 0.81 3.36 3.28
C1 6MA B 6 0.51 4.28 2.20
H5' 6MA B 6 -0.48 -0.08 -2.48
H5'' 6MA B 6 1.08 -0.49 -3.19
H4' 6MA B 6 0.54 -2.90 -2.82
H3' 6MA B 6 -2.05 -2.24 -2.30
H2' 6MA B 6 -2.03 -1.32 -0.16
H2'' 6MA B 6 -1.63 -2.94 0.41
H1' 6MA B 6 0.49 -2.41 0.89
H8 6MA B 6 -0.32 0.72 -0.98
H2 6MA B 6 1.18 -0.59 4.87
H61 6MA B 6 1.02 3.71 4.10
H11 6MA B 6 0.87 3.96 1.36
H12 6MA B 6 0.89 5.14 2.35
H13 6MA B 6 -0.43 4.39 2.08
P 6MA B 6 -0.61 -0.17 -5.52
OP1 6MA B 6 -0.75 -0.87 -6.81
OP2 6MA B 6 -1.60 0.87 -5.14
O5' 6MA B 6 -0.59 -1.27 -4.36
C5' 6MA B 6 0.09 -1.01 -3.14
C4' 6MA B 6 0.19 -2.26 -2.30
O4' 6MA B 6 1.03 -1.97 -1.15
C3' 6MA B 6 -1.12 -2.79 -1.73
O3' 6MA B 6 -1.10 -4.23 -1.74
C2' 6MA B 6 -1.16 -2.27 -0.30
C1' 6MA B 6 0.27 -1.86 0.03
N9 6MA B 6 0.38 -0.48 0.52
C8 6MA B 6 0.15 0.65 -0.17
N7 6MA B 6 0.35 1.75 0.51
C5 6MA B 6 0.73 1.29 1.76
C6 6MA B 6 1.07 1.94 2.96
N1 6MA B 6 1.38 1.17 4.03
C2 6MA B 6 1.35 -0.16 3.90
N3 6MA B 6 1.05 -0.88 2.82
C4 6MA B 6 0.74 -0.11 1.77
N6 6MA B 6 1.10 3.28 3.08
C1 6MA B 6 0.78 4.18 2.00
H5' 6MA B 6 -0.45 -0.25 -2.58
H5'' 6MA B 6 1.09 -0.65 -3.35
H4' 6MA B 6 0.59 -3.05 -2.94
H3' 6MA B 6 -1.97 -2.45 -2.31
H2' 6MA B 6 -1.86 -1.44 -0.20
H2'' 6MA B 6 -1.44 -3.05 0.40
H1' 6MA B 6 0.70 -2.53 0.78
H8 6MA B 6 -0.17 0.59 -1.11
H2 6MA B 6 1.51 -0.66 4.70
H61 6MA B 6 1.33 3.63 3.89
H11 6MA B 6 1.24 5.02 2.08
H12 6MA B 6 -0.16 4.37 1.96
H13 6MA B 6 1.02 3.81 1.14
P 6MA B 6 -0.71 -0.24 -5.07
OP1 6MA B 6 -0.83 -0.92 -6.38
OP2 6MA B 6 -1.73 0.75 -4.66
O5' 6MA B 6 -0.62 -1.36 -3.94
C5' 6MA B 6 0.02 -1.09 -2.69
C4' 6MA B 6 0.12 -2.33 -1.85
O4' 6MA B 6 0.93 -2.03 -0.69
C3' 6MA B 6 -1.20 -2.86 -1.31
O3' 6MA B 6 -1.20 -4.31 -1.32
C2' 6MA B 6 -1.27 -2.34 0.12
C1' 6MA B 6 0.14 -1.92 0.48
N9 6MA B 6 0.23 -0.54 0.96
C8 6MA B 6 -0.02 0.60 0.25
N7 6MA B 6 0.15 1.70 0.93
C5 6MA B 6 0.51 1.25 2.19
C6 6MA B 6 0.83 1.92 3.40
N1 6MA B 6 1.14 1.18 4.46
C2 6MA B 6 1.12 -0.16 4.35
N3 6MA B 6 0.86 -0.90 3.27
C4 6MA B 6 0.56 -0.14 2.22
N6 6MA B 6 0.81 3.25 3.51
C1 6MA B 6 0.48 4.14 2.41
H5' 6MA B 6 -0.54 -0.33 -2.16
H5'' 6MA B 6 1.03 -0.72 -2.89
H4' 6MA B 6 0.53 -3.12 -2.47
H3' 6MA B 6 -2.05 -2.51 -1.90
H2' 6MA B 6 -1.99 -1.53 0.22
H2'' 6MA B 6 -1.57 -3.13 0.82
H1' 6MA B 6 0.56 -2.57 1.24
H8 6MA B 6 -0.33 0.52 -0.69
H2 6MA B 6 1.28 -0.66 5.16
H61 6MA B 6 1.02 3.63 4.33
H11 6MA B 6 0.68 5.06 2.63
H12 6MA B 6 -0.45 4.10 2.18
H13 6MA B 6 0.98 3.93 1.62
P 6MA B 6 -0.51 0.18 -5.66
OP1 6MA B 6 -0.62 -0.47 -6.99
OP2 6MA B 6 -1.51 1.23 -5.28
O5' 6MA B 6 -0.54 -0.95 -4.55
C5' 6MA B 6 0.07 -0.72 -3.28
C4' 6MA B 6 0.08 -1.99 -2.44
O4' 6MA B 6 0.88 -1.74 -1.26
C3' 6MA B 6 -1.28 -2.49 -1.95
O3' 6MA B 6 -1.31 -3.91 -2.01
C2' 6MA B 6 -1.36 -2.00 -0.51
C1' 6MA B 6 0.05 -1.61 -0.10
N9 6MA B 6 0.17 -0.25 0.39
C8 6MA B 6 -0.03 0.91 -0.30
N7 6MA B 6 0.16 2.00 0.39
C5 6MA B 6 0.50 1.52 1.65
C6 6MA B 6 0.83 2.16 2.86
N1 6MA B 6 1.11 1.39 3.93
C2 6MA B 6 1.06 0.06 3.79
N3 6MA B 6 0.79 -0.66 2.71
C4 6MA B 6 0.50 0.14 1.65
N6 6MA B 6 0.87 3.50 2.99
C1 6MA B 6 0.58 4.42 1.90
H5' 6MA B 6 -0.48 0.05 -2.74
H5'' 6MA B 6 1.09 -0.38 -3.42
H4' 6MA B 6 0.49 -2.77 -3.07
H3' 6MA B 6 -2.08 -2.08 -2.56
H2' 6MA B 6 -2.06 -1.17 -0.40
H2'' 6MA B 6 -1.67 -2.80 0.16
H1' 6MA B 6 0.44 -2.29 0.65
H8 6MA B 6 -0.33 0.86 -1.25
H2 6MA B 6 1.20 -0.45 4.60
H61 6MA B 6 1.09 3.85 3.81
H11 6MA B 6 0.22 5.24 2.22
H12 6MA B 6 -0.06 4.04 1.29
H13 6MA B 6 1.36 4.62 1.39
P 6MA B 6 -0.61 -0.31 -5.66
OP1 6MA B 6 -0.73 -1.01 -6.96
OP2 6MA B 6 -1.60 0.75 -5.30
O5' 6MA B 6 -0.64 -1.41 -4.50
C5' 6MA B 6 0.00 -1.15 -3.25
C4' 6MA B 6 0.05 -2.40 -2.41
O4' 6MA B 6 0.88 -2.12 -1.25
C3' 6MA B 6 -1.27 -2.92 -1.87
O3' 6MA B 6 -1.28 -4.35 -1.88
C2' 6MA B 6 -1.33 -2.38 -0.44
C1' 6MA B 6 0.09 -1.98 -0.08
N9 6MA B 6 0.20 -0.61 0.40
C8 6MA B 6 -0.02 0.53 -0.29
N7 6MA B 6 0.18 1.63 0.38
C5 6MA B 6 0.55 1.18 1.64
C6 6MA B 6 0.90 1.83 2.83
N1 6MA B 6 1.21 1.07 3.90
C2 6MA B 6 1.17 -0.25 3.78
N3 6MA B 6 0.87 -0.99 2.71
C4 6MA B 6 0.57 -0.21 1.66
N6 6MA B 6 0.93 3.17 2.94
C1 6MA B 6 0.61 4.06 1.85
H5' 6MA B 6 -0.56 -0.38 -2.72
H5'' 6MA B 6 1.01 -0.78 -3.43
H4' 6MA B 6 0.46 -3.19 -3.03
H3' 6MA B 6 -2.11 -2.54 -2.46
H2' 6MA B 6 -2.03 -1.56 -0.34
H2'' 6MA B 6 -1.64 -3.17 0.25
H1' 6MA B 6 0.50 -2.65 0.68
H8 6MA B 6 -0.35 0.47 -1.24
H2 6MA B 6 1.33 -0.77 4.59
H61 6MA B 6 1.17 3.53 3.76
H11 6MA B 6 1.08 3.84 1.05
H12 6MA B 6 0.84 4.97 2.06
H13 6MA B 6 -0.33 4.05 1.65
P 6MA B 6 -0.75 -0.11 -5.33
OP1 6MA B 6 -0.86 -0.77 -6.66
OP2 6MA B 6 -1.77 0.90 -4.93
O5' 6MA B 6 -0.69 -1.23 -4.21
C5' 6MA B 6 -0.05 -0.98 -2.97
C4' 6MA B 6 0.02 -2.24 -2.13
O4' 6MA B 6 0.81 -1.95 -0.95
C3' 6MA B 6 -1.33 -2.76 -1.62
O3' 6MA B 6 -1.33 -4.20 -1.65
C2' 6MA B 6 -1.41 -2.26 -0.19
C1' 6MA B 6 -0.01 -1.85 0.21
N9 6MA B 6 0.09 -0.48 0.70
C8 6MA B 6 -0.16 0.67 0.02
N7 6MA B 6 0.02 1.76 0.71
C5 6MA B 6 0.38 1.29 1.97
C6 6MA B 6 0.71 1.94 3.17
N1 6MA B 6 1.03 1.17 4.24
C2 6MA B 6 1.00 -0.15 4.09
N3 6MA B 6 0.74 -0.88 3.02
C4 6MA B 6 0.43 -0.09 1.96
N6 6MA B 6 0.72 3.28 3.31
C1 6MA B 6 0.39 4.19 2.22
H5' 6MA B 6 -0.59 -0.22 -2.42
H5'' 6MA B 6 0.97 -0.64 -3.15
H4' 6MA B 6 0.44 -3.02 -2.75
H3' 6MA B 6 -2.15 -2.39 -2.22
H2' 6MA B 6 -2.13 -1.44 -0.10
H2'' 6MA B 6 -1.72 -3.05 0.49
H1' 6MA B 6 0.39 -2.52 0.96
H8 6MA B 6 -0.47 0.60 -0.92
H2 6MA B 6 1.17 -0.66 4.90
H61 6MA B 6 0.93 3.63 4.12
H11 6MA B 6 0.78 3.90 1.39
H12 6MA B 6 0.70 5.07 2.39
H13 6MA B 6 -0.56 4.24 2.08
P 6MA B 6 -0.90 -0.02 -5.55
OP1 6MA B 6 -1.03 -0.68 -6.87
OP2 6MA B 6 -1.90 1.00 -5.14
O5' 6MA B 6 -0.85 -1.16 -4.43
C5' 6MA B 6 -0.20 -0.92 -3.19
C4' 6MA B 6 -0.14 -2.18 -2.36
O4' 6MA B 6 0.68 -1.92 -1.20
C3' 6MA B 6 -1.48 -2.69 -1.83
O3' 6MA B 6 -1.49 -4.12 -1.89
C2' 6MA B 6 -1.53 -2.21 -0.39
C1' 6MA B 6 -0.11 -1.81 -0.02
N9 6MA B 6 0.00 -0.45 0.48
C8 6MA B 6 -0.22 0.70 -0.19
N7 6MA B 6 -0.03 1.80 0.50
C5 6MA B 6 0.33 1.31 1.75
C6 6MA B 6 0.66 1.95 2.96
N1 6MA B 6 0.97 1.18 4.02
C2 6MA B 6 0.93 -0.16 3.88
N3 6MA B 6 0.64 -0.87 2.79
C4 6MA B 6 0.35 -0.08 1.75
N6 6MA B 6 0.69 3.29 3.10
C1 6MA B 6 0.38 4.21 2.02
H5' 6MA B 6 -0.76 -0.15 -2.64
H5'' 6MA B 6 0.80 -0.57 -3.37
H4' 6MA B 6 0.26 -2.96 -3.00
H3' 6MA B 6 -2.31 -2.30 -2.42
H2' 6MA B 6 -2.24 -1.39 -0.27
H2'' 6MA B 6 -1.83 -3.02 0.29
H1' 6MA B 6 0.30 -2.49 0.73
H8 6MA B 6 -0.54 0.66 -1.14
H2 6MA B 6 1.08 -0.67 4.69
H61 6MA B 6 0.93 3.63 3.92
H11 6MA B 6 -0.56 4.31 1.92
H12 6MA B 6 0.73 3.89 1.19
H13 6MA B 6 0.75 5.07 2.18
#